data_4R2M
#
_entry.id   4R2M
#
_cell.length_a   131.180
_cell.length_b   131.180
_cell.length_c   33.000
_cell.angle_alpha   90.00
_cell.angle_beta   90.00
_cell.angle_gamma   90.00
#
_symmetry.space_group_name_H-M   'P 43 21 2'
#
loop_
_entity.id
_entity.type
_entity.pdbx_description
1 polymer 'Universal stress protein F'
2 non-polymer 'MAGNESIUM ION'
3 non-polymer 'PHOSPHOAMINOPHOSPHONIC ACID-ADENYLATE ESTER'
4 water water
#
_entity_poly.entity_id   1
_entity_poly.type   'polypeptide(L)'
_entity_poly.pdbx_seq_one_letter_code
;MRGSHHHHHHGMASMNRTILVPIDISDSELTQRVISHVEAEAKIDDAKVHFLTVIPSLPYYASLGLAYSAELPAMDDLKA
EAKSQLEAIIKKFNLPADRVQAHVAEGSPKDKILEMAKKLPADMVIIASHRPDITTYLLGSNAAAVVDHAECSVLVVR
;
_entity_poly.pdbx_strand_id   A,B
#
# COMPACT_ATOMS: atom_id res chain seq x y z
N ASN A 16 6.12 -18.26 -9.46
CA ASN A 16 6.83 -17.21 -8.68
C ASN A 16 6.30 -15.84 -9.07
N ARG A 17 6.08 -14.99 -8.09
CA ARG A 17 5.48 -13.72 -8.40
C ARG A 17 6.45 -12.73 -9.05
N THR A 18 5.85 -11.66 -9.55
CA THR A 18 6.55 -10.55 -10.15
C THR A 18 6.28 -9.29 -9.30
N ILE A 19 7.35 -8.58 -8.96
CA ILE A 19 7.26 -7.33 -8.20
C ILE A 19 7.82 -6.21 -9.06
N LEU A 20 7.08 -5.13 -9.20
CA LEU A 20 7.55 -3.95 -9.90
C LEU A 20 7.99 -2.89 -8.87
N VAL A 21 9.17 -2.35 -9.07
CA VAL A 21 9.75 -1.36 -8.18
C VAL A 21 10.13 -0.14 -9.04
N PRO A 22 9.25 0.88 -9.03
CA PRO A 22 9.55 2.14 -9.71
C PRO A 22 10.56 2.94 -8.94
N ILE A 23 11.57 3.45 -9.63
CA ILE A 23 12.62 4.22 -9.05
C ILE A 23 12.73 5.56 -9.76
N ASP A 24 12.67 6.62 -8.96
CA ASP A 24 13.08 7.92 -9.40
C ASP A 24 14.57 8.03 -9.06
N ILE A 25 15.39 8.08 -10.09
CA ILE A 25 16.84 8.13 -9.92
C ILE A 25 17.34 9.35 -9.16
N SER A 26 16.52 10.39 -9.04
CA SER A 26 16.93 11.57 -8.30
C SER A 26 16.58 11.49 -6.81
N ASP A 27 16.01 10.39 -6.36
CA ASP A 27 15.58 10.24 -4.95
C ASP A 27 16.53 9.30 -4.22
N SER A 28 17.16 9.80 -3.15
CA SER A 28 18.02 9.01 -2.26
C SER A 28 17.25 8.35 -1.10
N GLU A 29 16.57 9.17 -0.30
CA GLU A 29 15.90 8.70 0.93
C GLU A 29 14.81 7.69 0.62
N LEU A 30 14.04 7.99 -0.40
CA LEU A 30 12.95 7.11 -0.79
C LEU A 30 13.49 5.71 -1.10
N THR A 31 14.55 5.68 -1.92
CA THR A 31 15.18 4.44 -2.36
C THR A 31 15.69 3.61 -1.16
N GLN A 32 16.20 4.29 -0.15
CA GLN A 32 16.64 3.60 1.05
C GLN A 32 15.50 2.84 1.79
N ARG A 33 14.36 3.49 1.92
CA ARG A 33 13.22 2.91 2.64
C ARG A 33 12.55 1.73 1.95
N VAL A 34 12.52 1.76 0.62
CA VAL A 34 11.97 0.65 -0.09
C VAL A 34 12.89 -0.55 -0.12
N ILE A 35 14.19 -0.40 0.18
CA ILE A 35 15.14 -1.51 0.02
C ILE A 35 14.74 -2.68 0.89
N SER A 36 14.61 -2.46 2.19
CA SER A 36 14.22 -3.57 3.06
C SER A 36 12.90 -4.20 2.63
N HIS A 37 11.88 -3.39 2.38
CA HIS A 37 10.60 -3.94 1.89
C HIS A 37 10.75 -4.76 0.62
N VAL A 38 11.53 -4.26 -0.32
CA VAL A 38 11.68 -5.00 -1.55
C VAL A 38 12.37 -6.35 -1.31
N GLU A 39 13.37 -6.34 -0.42
CA GLU A 39 14.14 -7.53 -0.14
C GLU A 39 13.25 -8.54 0.57
N ALA A 40 12.51 -8.10 1.59
CA ALA A 40 11.64 -9.02 2.35
C ALA A 40 10.60 -9.65 1.43
N GLU A 41 10.07 -8.83 0.55
CA GLU A 41 8.98 -9.23 -0.32
C GLU A 41 9.46 -10.28 -1.31
N ALA A 42 10.67 -10.11 -1.81
CA ALA A 42 11.20 -11.04 -2.80
C ALA A 42 11.59 -12.36 -2.15
N LYS A 43 12.04 -12.34 -0.90
CA LYS A 43 12.31 -13.59 -0.14
C LYS A 43 11.08 -14.50 0.04
N ILE A 44 9.88 -13.91 0.01
CA ILE A 44 8.63 -14.66 -0.16
C ILE A 44 8.39 -15.00 -1.64
N ASP A 45 8.33 -16.29 -1.97
CA ASP A 45 7.96 -16.72 -3.32
C ASP A 45 9.12 -16.69 -4.28
N ASP A 46 10.29 -16.24 -3.83
CA ASP A 46 11.43 -16.07 -4.73
C ASP A 46 10.99 -15.24 -5.92
N ALA A 47 10.51 -14.05 -5.65
CA ALA A 47 9.90 -13.28 -6.70
C ALA A 47 10.93 -12.71 -7.67
N LYS A 48 10.47 -12.48 -8.89
CA LYS A 48 11.27 -11.74 -9.87
C LYS A 48 10.97 -10.24 -9.65
N VAL A 49 12.03 -9.44 -9.58
CA VAL A 49 11.92 -8.03 -9.26
C VAL A 49 12.29 -7.20 -10.47
N HIS A 50 11.35 -6.42 -10.96
CA HIS A 50 11.58 -5.56 -12.11
C HIS A 50 11.61 -4.11 -11.65
N PHE A 51 12.70 -3.41 -11.92
CA PHE A 51 12.88 -1.99 -11.61
C PHE A 51 12.65 -1.15 -12.85
N LEU A 52 11.97 -0.02 -12.68
CA LEU A 52 11.57 0.84 -13.78
C LEU A 52 11.82 2.27 -13.40
N THR A 53 12.53 2.97 -14.27
CA THR A 53 12.69 4.39 -14.09
C THR A 53 12.23 5.08 -15.33
N VAL A 54 11.53 6.20 -15.16
CA VAL A 54 10.90 6.85 -16.28
C VAL A 54 11.40 8.27 -16.38
N ILE A 55 11.95 8.57 -17.55
CA ILE A 55 12.31 9.91 -17.94
C ILE A 55 11.03 10.70 -18.24
N PRO A 56 10.73 11.70 -17.40
CA PRO A 56 9.49 12.44 -17.55
C PRO A 56 9.52 13.26 -18.84
N SER A 57 8.40 13.33 -19.54
CA SER A 57 8.33 14.24 -20.67
C SER A 57 7.21 15.20 -20.41
N LEU A 58 7.55 16.49 -20.40
CA LEU A 58 6.60 17.54 -20.01
C LEU A 58 6.06 18.30 -21.22
N PRO A 59 4.75 18.22 -21.45
CA PRO A 59 4.07 19.12 -22.41
C PRO A 59 4.44 20.60 -22.23
N TYR A 60 4.60 21.05 -20.98
CA TYR A 60 4.87 22.47 -20.71
C TYR A 60 6.18 22.96 -21.39
N TYR A 61 7.24 22.18 -21.22
CA TYR A 61 8.53 22.37 -21.86
C TYR A 61 8.43 22.33 -23.38
N ALA A 62 7.62 21.41 -23.90
CA ALA A 62 7.37 21.32 -25.35
C ALA A 62 6.76 22.63 -25.84
N SER A 63 5.75 23.09 -25.10
CA SER A 63 5.04 24.33 -25.40
C SER A 63 5.92 25.59 -25.28
N LEU A 64 7.04 25.50 -24.57
CA LEU A 64 8.02 26.57 -24.56
C LEU A 64 9.03 26.45 -25.72
N GLY A 65 8.98 25.35 -26.47
CA GLY A 65 9.92 25.09 -27.56
C GLY A 65 11.06 24.13 -27.21
N LEU A 66 11.19 23.72 -25.95
CA LEU A 66 12.31 22.90 -25.51
C LEU A 66 12.09 21.43 -25.89
N ALA A 67 12.75 20.96 -26.96
CA ALA A 67 12.55 19.59 -27.49
C ALA A 67 13.63 18.61 -27.01
N SER A 69 16.45 15.88 -28.66
CA SER A 69 17.53 15.86 -29.64
C SER A 69 17.80 17.27 -30.16
N ALA A 70 17.52 18.28 -29.34
CA ALA A 70 17.78 19.68 -29.73
C ALA A 70 18.22 20.52 -28.50
N GLU A 71 17.34 21.37 -27.96
CA GLU A 71 17.65 22.15 -26.75
C GLU A 71 17.79 21.23 -25.52
N LEU A 72 17.14 20.06 -25.57
CA LEU A 72 17.35 18.99 -24.59
C LEU A 72 18.05 17.82 -25.30
N PRO A 73 18.99 17.12 -24.60
CA PRO A 73 19.81 16.04 -25.21
C PRO A 73 19.00 14.89 -25.80
N ALA A 74 19.65 14.09 -26.64
CA ALA A 74 18.99 12.98 -27.36
C ALA A 74 18.34 12.02 -26.38
N MET A 75 17.18 11.48 -26.76
CA MET A 75 16.41 10.60 -25.88
C MET A 75 17.13 9.28 -25.65
N ASP A 76 17.70 8.73 -26.72
CA ASP A 76 18.64 7.60 -26.63
C ASP A 76 19.72 7.85 -25.54
N ASP A 77 20.29 9.06 -25.52
CA ASP A 77 21.29 9.45 -24.53
C ASP A 77 20.73 9.45 -23.11
N LEU A 78 19.63 10.17 -22.92
CA LEU A 78 19.00 10.26 -21.62
C LEU A 78 18.70 8.88 -21.06
N LYS A 79 18.18 7.99 -21.91
CA LYS A 79 17.82 6.63 -21.51
C LYS A 79 19.01 5.83 -21.01
N ALA A 80 20.10 5.81 -21.77
CA ALA A 80 21.34 5.15 -21.34
C ALA A 80 21.82 5.67 -19.99
N GLU A 81 21.83 7.00 -19.82
CA GLU A 81 22.19 7.60 -18.54
C GLU A 81 21.24 7.21 -17.39
N ALA A 82 19.95 7.28 -17.63
CA ALA A 82 19.00 6.90 -16.61
C ALA A 82 19.19 5.43 -16.28
N LYS A 83 19.32 4.59 -17.30
CA LYS A 83 19.50 3.17 -17.10
C LYS A 83 20.77 2.88 -16.31
N SER A 84 21.80 3.64 -16.62
CA SER A 84 23.03 3.54 -15.87
C SER A 84 22.83 3.83 -14.38
N GLN A 85 22.11 4.90 -14.06
CA GLN A 85 21.91 5.27 -12.68
C GLN A 85 21.01 4.27 -11.97
N LEU A 86 20.09 3.69 -12.72
CA LEU A 86 19.17 2.69 -12.16
C LEU A 86 19.98 1.44 -11.76
N GLU A 87 20.89 1.02 -12.61
CA GLU A 87 21.71 -0.15 -12.31
C GLU A 87 22.63 0.11 -11.10
N ALA A 88 23.15 1.32 -10.99
CA ALA A 88 23.88 1.68 -9.77
C ALA A 88 22.96 1.54 -8.53
N ILE A 89 21.74 2.01 -8.66
CA ILE A 89 20.78 1.91 -7.57
C ILE A 89 20.39 0.46 -7.23
N ILE A 90 20.19 -0.36 -8.26
CA ILE A 90 19.85 -1.79 -8.05
C ILE A 90 20.92 -2.55 -7.26
N LYS A 91 22.17 -2.08 -7.32
CA LYS A 91 23.22 -2.65 -6.50
C LYS A 91 23.06 -2.39 -5.00
N LYS A 92 22.10 -1.57 -4.61
CA LYS A 92 21.86 -1.32 -3.19
C LYS A 92 20.93 -2.33 -2.58
N PHE A 93 20.35 -3.18 -3.43
CA PHE A 93 19.42 -4.22 -3.00
C PHE A 93 20.13 -5.60 -3.03
N ASN A 94 19.89 -6.38 -2.00
CA ASN A 94 20.27 -7.78 -1.94
C ASN A 94 19.21 -8.63 -2.62
N LEU A 95 19.40 -8.84 -3.92
CA LEU A 95 18.53 -9.66 -4.73
C LEU A 95 19.37 -10.57 -5.61
N PRO A 96 18.93 -11.82 -5.81
CA PRO A 96 19.67 -12.67 -6.74
C PRO A 96 19.78 -12.03 -8.13
N ALA A 97 20.99 -12.00 -8.69
CA ALA A 97 21.22 -11.48 -10.05
C ALA A 97 20.21 -12.04 -11.07
N ASP A 98 19.82 -13.31 -10.90
CA ASP A 98 18.93 -13.97 -11.87
C ASP A 98 17.48 -13.52 -11.75
N ARG A 99 17.16 -12.80 -10.69
CA ARG A 99 15.81 -12.44 -10.38
C ARG A 99 15.53 -10.96 -10.59
N VAL A 100 16.50 -10.19 -11.04
CA VAL A 100 16.30 -8.77 -11.14
C VAL A 100 16.33 -8.40 -12.61
N GLN A 101 15.65 -7.32 -12.94
CA GLN A 101 15.72 -6.72 -14.25
C GLN A 101 15.45 -5.24 -14.18
N ALA A 102 16.19 -4.49 -14.98
CA ALA A 102 16.15 -3.03 -15.02
C ALA A 102 15.43 -2.59 -16.28
N HIS A 103 14.56 -1.59 -16.16
CA HIS A 103 13.84 -1.05 -17.35
C HIS A 103 13.91 0.44 -17.32
N VAL A 104 14.05 1.06 -18.49
CA VAL A 104 13.89 2.49 -18.59
C VAL A 104 12.78 2.77 -19.56
N ALA A 105 11.96 3.79 -19.27
CA ALA A 105 10.98 4.28 -20.23
C ALA A 105 10.99 5.81 -20.27
N GLU A 106 10.21 6.39 -21.16
CA GLU A 106 10.05 7.82 -21.23
C GLU A 106 8.55 8.12 -21.26
N GLY A 107 8.14 9.21 -20.61
CA GLY A 107 6.76 9.67 -20.61
C GLY A 107 6.30 10.16 -19.24
N SER A 108 5.01 9.97 -18.97
CA SER A 108 4.44 10.24 -17.68
C SER A 108 4.86 9.07 -16.82
N PRO A 109 5.59 9.31 -15.71
CA PRO A 109 5.98 8.20 -14.87
C PRO A 109 4.82 7.33 -14.41
N LYS A 110 3.77 7.93 -13.88
CA LYS A 110 2.57 7.14 -13.49
C LYS A 110 1.98 6.25 -14.60
N ASP A 111 1.87 6.75 -15.83
CA ASP A 111 1.31 5.97 -16.90
C ASP A 111 2.21 4.82 -17.25
N LYS A 112 3.51 5.08 -17.28
CA LYS A 112 4.46 4.05 -17.69
C LYS A 112 4.62 3.00 -16.57
N ILE A 113 4.54 3.42 -15.31
CA ILE A 113 4.53 2.49 -14.21
C ILE A 113 3.33 1.58 -14.33
N LEU A 114 2.16 2.19 -14.54
CA LEU A 114 0.92 1.41 -14.67
C LEU A 114 0.89 0.52 -15.89
N GLU A 115 1.45 1.00 -16.98
CA GLU A 115 1.56 0.19 -18.15
C GLU A 115 2.47 -1.05 -17.88
N MET A 116 3.60 -0.81 -17.23
CA MET A 116 4.55 -1.88 -16.91
C MET A 116 3.93 -2.92 -15.97
N ALA A 117 3.14 -2.43 -15.02
CA ALA A 117 2.37 -3.28 -14.14
C ALA A 117 1.40 -4.15 -14.94
N LYS A 118 0.72 -3.62 -15.96
CA LYS A 118 -0.09 -4.46 -16.84
C LYS A 118 0.75 -5.40 -17.71
N LYS A 119 1.90 -4.90 -18.21
CA LYS A 119 2.75 -5.68 -19.17
C LYS A 119 3.42 -6.92 -18.55
N LEU A 120 3.84 -6.86 -17.30
CA LEU A 120 4.66 -7.94 -16.74
C LEU A 120 3.97 -9.31 -16.67
N PRO A 121 2.78 -9.41 -16.04
CA PRO A 121 2.10 -8.42 -15.24
C PRO A 121 2.64 -8.44 -13.82
N ALA A 122 2.43 -7.37 -13.06
CA ALA A 122 2.94 -7.29 -11.68
C ALA A 122 1.96 -7.89 -10.68
N ASP A 123 2.47 -8.63 -9.72
CA ASP A 123 1.68 -9.08 -8.59
C ASP A 123 1.67 -8.05 -7.51
N MET A 124 2.70 -7.23 -7.45
CA MET A 124 2.77 -6.20 -6.43
C MET A 124 3.62 -5.12 -6.97
N VAL A 125 3.23 -3.89 -6.63
CA VAL A 125 4.04 -2.72 -6.85
C VAL A 125 4.47 -2.18 -5.49
N ILE A 126 5.77 -1.94 -5.35
CA ILE A 126 6.32 -1.35 -4.15
C ILE A 126 6.83 0.04 -4.50
N ILE A 127 6.27 1.04 -3.83
CA ILE A 127 6.47 2.43 -4.20
C ILE A 127 6.48 3.29 -2.94
N ALA A 128 7.41 4.23 -2.89
CA ALA A 128 7.46 5.11 -1.74
C ALA A 128 6.32 6.15 -1.85
N SER A 129 5.83 6.64 -0.73
CA SER A 129 4.69 7.52 -0.74
C SER A 129 4.95 8.87 -1.43
N HIS A 130 6.08 9.46 -1.08
CA HIS A 130 6.32 10.87 -1.37
C HIS A 130 7.68 11.18 -0.74
N ARG A 131 8.45 12.02 -1.39
CA ARG A 131 9.72 12.39 -0.79
C ARG A 131 9.50 13.03 0.59
N PRO A 132 10.43 12.82 1.53
CA PRO A 132 10.22 13.45 2.83
C PRO A 132 10.49 14.94 2.70
N ASP A 133 9.55 15.74 3.18
CA ASP A 133 9.59 17.17 2.98
C ASP A 133 8.91 17.82 4.15
N ILE A 134 8.92 19.14 4.22
CA ILE A 134 8.19 19.80 5.29
C ILE A 134 6.80 20.31 4.87
N THR A 135 6.44 20.16 3.61
CA THR A 135 5.04 20.27 3.20
C THR A 135 4.19 19.15 3.85
N THR A 136 2.87 19.33 3.95
CA THR A 136 1.97 18.29 4.48
C THR A 136 1.24 17.43 3.43
N TYR A 137 1.94 17.03 2.40
CA TYR A 137 1.53 16.03 1.40
CA TYR A 137 1.29 16.16 1.41
C TYR A 137 0.94 14.77 2.00
N LEU A 138 0.22 13.99 1.21
CA LEU A 138 -0.29 12.71 1.60
C LEU A 138 0.52 11.73 0.76
N LEU A 139 0.18 11.61 -0.51
CA LEU A 139 0.98 10.89 -1.48
C LEU A 139 1.54 11.77 -2.56
N GLY A 140 2.64 11.38 -3.17
CA GLY A 140 3.12 12.07 -4.33
C GLY A 140 2.22 11.91 -5.54
N SER A 141 2.47 12.72 -6.55
CA SER A 141 1.71 12.70 -7.81
C SER A 141 1.63 11.28 -8.40
N ASN A 142 2.75 10.57 -8.38
CA ASN A 142 2.80 9.29 -9.04
C ASN A 142 2.38 8.16 -8.11
N ALA A 143 2.79 8.22 -6.85
CA ALA A 143 2.33 7.19 -5.92
C ALA A 143 0.80 7.12 -5.87
N ALA A 144 0.14 8.27 -5.80
CA ALA A 144 -1.33 8.27 -5.67
C ALA A 144 -2.00 7.61 -6.85
N ALA A 145 -1.55 7.89 -8.06
CA ALA A 145 -2.14 7.32 -9.28
C ALA A 145 -1.90 5.83 -9.36
N VAL A 146 -0.74 5.39 -8.91
CA VAL A 146 -0.41 3.97 -8.94
C VAL A 146 -1.32 3.22 -7.98
N VAL A 147 -1.37 3.71 -6.76
CA VAL A 147 -2.25 3.19 -5.71
C VAL A 147 -3.67 3.10 -6.20
N ASP A 148 -4.15 4.19 -6.78
CA ASP A 148 -5.51 4.28 -7.24
C ASP A 148 -5.82 3.32 -8.40
N HIS A 149 -4.91 3.20 -9.39
CA HIS A 149 -5.24 2.55 -10.66
C HIS A 149 -4.57 1.21 -10.93
N ALA A 150 -3.61 0.81 -10.11
CA ALA A 150 -2.98 -0.48 -10.32
C ALA A 150 -4.02 -1.56 -10.10
N GLU A 151 -3.87 -2.66 -10.80
CA GLU A 151 -4.81 -3.76 -10.72
C GLU A 151 -4.32 -4.84 -9.77
N CYS A 152 -3.14 -4.61 -9.17
CA CYS A 152 -2.55 -5.52 -8.22
C CYS A 152 -2.32 -4.80 -6.91
N SER A 153 -1.83 -5.56 -5.93
CA SER A 153 -1.50 -5.04 -4.62
C SER A 153 -0.44 -3.96 -4.71
N VAL A 154 -0.55 -2.92 -3.87
CA VAL A 154 0.45 -1.86 -3.86
C VAL A 154 0.88 -1.64 -2.43
N LEU A 155 2.18 -1.74 -2.22
CA LEU A 155 2.81 -1.45 -0.97
C LEU A 155 3.35 -0.02 -1.04
N VAL A 156 2.72 0.87 -0.28
CA VAL A 156 3.11 2.26 -0.20
C VAL A 156 4.04 2.39 0.99
N VAL A 157 5.31 2.67 0.72
CA VAL A 157 6.32 2.66 1.74
C VAL A 157 6.51 4.05 2.34
N ARG A 158 6.61 4.15 3.66
CA ARG A 158 6.90 5.35 4.38
C ARG A 158 8.01 5.13 5.41
N ARG B 17 8.04 -5.67 16.20
CA ARG B 17 7.37 -5.13 14.99
C ARG B 17 5.85 -5.31 15.04
N THR B 18 5.11 -4.34 14.54
CA THR B 18 3.65 -4.28 14.72
C THR B 18 2.94 -4.08 13.40
N ILE B 19 2.04 -4.98 13.10
CA ILE B 19 1.23 -4.91 11.91
C ILE B 19 -0.20 -4.70 12.36
N LEU B 20 -0.88 -3.72 11.77
CA LEU B 20 -2.29 -3.48 12.00
C LEU B 20 -3.07 -3.95 10.80
N VAL B 21 -4.09 -4.76 11.07
CA VAL B 21 -4.98 -5.33 10.07
C VAL B 21 -6.43 -4.95 10.40
N PRO B 22 -6.97 -3.93 9.71
CA PRO B 22 -8.35 -3.54 9.97
C PRO B 22 -9.30 -4.56 9.33
N ILE B 23 -10.35 -4.96 10.08
CA ILE B 23 -11.32 -5.92 9.58
C ILE B 23 -12.76 -5.35 9.62
N ASP B 24 -13.48 -5.47 8.51
CA ASP B 24 -14.88 -5.11 8.46
C ASP B 24 -15.62 -6.42 8.59
N ILE B 25 -16.32 -6.61 9.70
CA ILE B 25 -16.92 -7.91 9.98
C ILE B 25 -17.95 -8.32 8.94
N SER B 26 -18.53 -7.39 8.18
CA SER B 26 -19.45 -7.79 7.10
C SER B 26 -18.75 -8.24 5.81
N ASP B 27 -17.43 -8.27 5.79
CA ASP B 27 -16.73 -8.99 4.74
C ASP B 27 -15.90 -10.13 5.34
N SER B 28 -16.61 -11.13 5.85
CA SER B 28 -16.02 -12.23 6.61
C SER B 28 -15.31 -13.22 5.70
N GLU B 29 -15.80 -13.39 4.47
CA GLU B 29 -15.18 -14.30 3.50
C GLU B 29 -14.00 -13.57 2.89
N LEU B 30 -12.90 -13.56 3.63
CA LEU B 30 -11.67 -12.92 3.19
C LEU B 30 -11.09 -13.69 2.04
N THR B 31 -10.38 -12.97 1.20
CA THR B 31 -9.62 -13.59 0.14
C THR B 31 -8.42 -14.32 0.75
N GLN B 32 -8.03 -15.44 0.15
CA GLN B 32 -6.79 -16.10 0.53
C GLN B 32 -5.65 -15.08 0.39
N ARG B 33 -5.76 -14.21 -0.61
CA ARG B 33 -4.76 -13.17 -0.88
C ARG B 33 -4.51 -12.28 0.34
N VAL B 34 -5.55 -11.81 1.01
CA VAL B 34 -5.34 -10.98 2.19
C VAL B 34 -4.69 -11.76 3.36
N ILE B 35 -5.20 -12.97 3.58
CA ILE B 35 -4.70 -13.82 4.64
C ILE B 35 -3.22 -14.09 4.39
N SER B 36 -2.91 -14.42 3.15
CA SER B 36 -1.54 -14.72 2.72
C SER B 36 -0.57 -13.57 2.94
N HIS B 37 -0.99 -12.36 2.58
CA HIS B 37 -0.16 -11.19 2.83
C HIS B 37 0.18 -11.01 4.31
N VAL B 38 -0.81 -11.20 5.18
CA VAL B 38 -0.64 -10.93 6.59
C VAL B 38 0.27 -12.00 7.19
N GLU B 39 -0.04 -13.26 6.88
CA GLU B 39 0.77 -14.37 7.36
C GLU B 39 2.21 -14.14 6.92
N ALA B 40 2.40 -13.83 5.65
CA ALA B 40 3.77 -13.68 5.12
C ALA B 40 4.51 -12.51 5.78
N GLU B 41 3.83 -11.38 5.96
CA GLU B 41 4.47 -10.22 6.56
C GLU B 41 4.86 -10.48 8.00
N ALA B 42 4.01 -11.21 8.70
CA ALA B 42 4.27 -11.56 10.09
C ALA B 42 5.43 -12.52 10.24
N LYS B 43 5.62 -13.41 9.27
CA LYS B 43 6.71 -14.38 9.29
C LYS B 43 8.06 -13.72 9.03
N ILE B 44 8.08 -12.71 8.17
CA ILE B 44 9.30 -11.94 7.86
C ILE B 44 9.97 -11.53 9.16
N ASP B 45 9.24 -10.74 9.95
CA ASP B 45 9.67 -10.34 11.28
C ASP B 45 9.20 -11.41 12.30
N ASP B 46 9.30 -11.15 13.60
CA ASP B 46 8.51 -11.89 14.58
C ASP B 46 7.29 -11.04 14.96
N ALA B 47 6.57 -10.53 13.95
CA ALA B 47 5.64 -9.41 14.15
C ALA B 47 4.37 -9.75 14.93
N LYS B 48 3.97 -8.87 15.86
CA LYS B 48 2.65 -8.93 16.45
C LYS B 48 1.66 -8.32 15.46
N VAL B 49 0.51 -8.96 15.30
CA VAL B 49 -0.54 -8.57 14.40
C VAL B 49 -1.76 -8.12 15.20
N HIS B 50 -2.11 -6.86 15.08
CA HIS B 50 -3.28 -6.34 15.74
C HIS B 50 -4.40 -6.22 14.74
N PHE B 51 -5.55 -6.85 15.04
CA PHE B 51 -6.75 -6.78 14.22
C PHE B 51 -7.76 -5.84 14.87
N LEU B 52 -8.37 -4.99 14.05
CA LEU B 52 -9.28 -3.98 14.53
C LEU B 52 -10.53 -3.94 13.69
N THR B 53 -11.67 -3.96 14.37
CA THR B 53 -12.94 -3.73 13.72
C THR B 53 -13.58 -2.55 14.38
N VAL B 54 -14.25 -1.70 13.58
CA VAL B 54 -14.82 -0.45 14.08
C VAL B 54 -16.31 -0.48 13.82
N ILE B 55 -17.09 -0.39 14.89
CA ILE B 55 -18.51 -0.19 14.74
C ILE B 55 -18.76 1.26 14.27
N PRO B 56 -19.32 1.42 13.06
CA PRO B 56 -19.49 2.78 12.53
C PRO B 56 -20.59 3.54 13.26
N SER B 57 -20.31 4.76 13.63
CA SER B 57 -21.34 5.52 14.28
C SER B 57 -21.59 6.71 13.39
N LEU B 58 -22.84 6.81 12.91
CA LEU B 58 -23.28 7.76 11.87
C LEU B 58 -24.01 8.93 12.47
N PRO B 59 -23.52 10.15 12.24
CA PRO B 59 -24.32 11.31 12.64
C PRO B 59 -25.69 11.31 11.97
N TYR B 60 -25.77 10.78 10.76
CA TYR B 60 -27.03 10.84 9.99
C TYR B 60 -28.14 10.10 10.75
N TYR B 61 -27.79 8.95 11.30
CA TYR B 61 -28.72 8.16 12.10
C TYR B 61 -29.13 8.86 13.40
N ALA B 62 -28.17 9.51 14.04
CA ALA B 62 -28.44 10.33 15.22
C ALA B 62 -29.45 11.40 14.87
N SER B 63 -29.26 12.02 13.70
CA SER B 63 -30.18 13.06 13.24
C SER B 63 -31.60 12.53 13.01
N LEU B 64 -31.72 11.25 12.65
CA LEU B 64 -33.03 10.57 12.52
C LEU B 64 -33.56 10.02 13.84
N GLY B 65 -32.90 10.33 14.96
CA GLY B 65 -33.41 9.91 16.27
C GLY B 65 -33.08 8.45 16.57
N LEU B 66 -32.05 7.93 15.93
CA LEU B 66 -31.59 6.59 16.22
C LEU B 66 -30.35 6.70 17.10
N ALA B 67 -30.53 6.39 18.38
CA ALA B 67 -29.51 6.55 19.40
C ALA B 67 -29.19 5.21 20.03
N TYR B 68 -27.92 5.03 20.45
CA TYR B 68 -27.51 3.82 21.18
C TYR B 68 -28.24 3.65 22.52
N SER B 69 -28.55 2.41 22.87
CA SER B 69 -29.32 2.08 24.08
C SER B 69 -30.77 2.60 24.05
N ALA B 70 -31.31 2.76 22.85
CA ALA B 70 -32.69 3.19 22.71
C ALA B 70 -33.29 2.44 21.54
N GLU B 71 -33.11 2.97 20.34
CA GLU B 71 -33.67 2.34 19.14
C GLU B 71 -32.59 1.57 18.37
N LEU B 72 -31.32 1.82 18.73
CA LEU B 72 -30.22 0.92 18.42
C LEU B 72 -29.87 0.20 19.73
N PRO B 73 -29.24 -0.99 19.68
CA PRO B 73 -28.79 -1.63 20.93
C PRO B 73 -27.66 -0.89 21.68
N ALA B 74 -27.43 -1.33 22.93
CA ALA B 74 -26.36 -0.77 23.76
C ALA B 74 -25.01 -1.00 23.08
N MET B 75 -24.13 -0.01 23.17
CA MET B 75 -22.85 -0.08 22.50
C MET B 75 -22.04 -1.27 22.98
N ASP B 76 -22.13 -1.56 24.28
CA ASP B 76 -21.42 -2.72 24.88
C ASP B 76 -21.80 -4.05 24.23
N ASP B 77 -23.08 -4.22 23.91
CA ASP B 77 -23.56 -5.46 23.29
C ASP B 77 -23.18 -5.53 21.83
N LEU B 78 -23.18 -4.38 21.17
CA LEU B 78 -22.69 -4.30 19.81
C LEU B 78 -21.19 -4.58 19.79
N LYS B 79 -20.44 -3.98 20.70
CA LYS B 79 -18.99 -4.26 20.86
C LYS B 79 -18.69 -5.74 21.05
N ALA B 80 -19.48 -6.41 21.88
CA ALA B 80 -19.24 -7.81 22.17
C ALA B 80 -19.60 -8.67 20.96
N GLU B 81 -20.66 -8.31 20.26
CA GLU B 81 -21.08 -9.05 19.10
C GLU B 81 -20.00 -8.95 17.99
N ALA B 82 -19.50 -7.72 17.79
CA ALA B 82 -18.46 -7.43 16.80
C ALA B 82 -17.18 -8.15 17.13
N LYS B 83 -16.77 -8.06 18.39
CA LYS B 83 -15.54 -8.69 18.84
C LYS B 83 -15.63 -10.18 18.62
N SER B 84 -16.81 -10.75 18.89
CA SER B 84 -17.00 -12.19 18.73
C SER B 84 -16.84 -12.61 17.25
N GLN B 85 -17.33 -11.77 16.34
CA GLN B 85 -17.21 -12.06 14.92
C GLN B 85 -15.75 -11.85 14.43
N LEU B 86 -15.08 -10.86 14.98
CA LEU B 86 -13.71 -10.58 14.65
C LEU B 86 -12.82 -11.76 15.02
N GLU B 87 -13.01 -12.26 16.25
CA GLU B 87 -12.27 -13.42 16.72
C GLU B 87 -12.41 -14.65 15.83
N ALA B 88 -13.59 -14.84 15.22
CA ALA B 88 -13.77 -15.95 14.29
C ALA B 88 -12.95 -15.69 13.00
N ILE B 89 -12.89 -14.43 12.59
CA ILE B 89 -12.10 -14.04 11.44
C ILE B 89 -10.59 -14.16 11.70
N ILE B 90 -10.13 -13.64 12.82
CA ILE B 90 -8.73 -13.77 13.24
C ILE B 90 -8.21 -15.21 13.13
N LYS B 91 -9.04 -16.16 13.51
CA LYS B 91 -8.66 -17.55 13.45
C LYS B 91 -8.47 -18.07 12.03
N LYS B 92 -8.94 -17.36 11.01
CA LYS B 92 -8.69 -17.77 9.61
C LYS B 92 -7.19 -17.67 9.25
N PHE B 93 -6.49 -16.82 10.00
CA PHE B 93 -5.09 -16.59 9.80
C PHE B 93 -4.31 -17.64 10.59
N ASN B 94 -3.25 -18.14 9.99
CA ASN B 94 -2.40 -19.16 10.63
C ASN B 94 -1.31 -18.41 11.40
N LEU B 95 -1.64 -17.93 12.60
CA LEU B 95 -0.72 -17.12 13.40
C LEU B 95 -0.62 -17.67 14.81
N PRO B 96 0.56 -17.56 15.44
CA PRO B 96 0.64 -18.02 16.82
C PRO B 96 -0.17 -17.11 17.75
N ALA B 97 -0.94 -17.74 18.64
CA ALA B 97 -1.84 -17.06 19.59
C ALA B 97 -1.23 -15.84 20.31
N ASP B 98 0.04 -15.94 20.69
CA ASP B 98 0.74 -14.87 21.40
C ASP B 98 1.16 -13.69 20.53
N ARG B 99 0.98 -13.78 19.21
CA ARG B 99 1.34 -12.69 18.31
C ARG B 99 0.13 -12.03 17.65
N VAL B 100 -1.04 -12.18 18.27
CA VAL B 100 -2.26 -11.73 17.66
C VAL B 100 -3.12 -11.10 18.73
N GLN B 101 -3.70 -9.94 18.44
CA GLN B 101 -4.63 -9.32 19.35
C GLN B 101 -5.81 -8.76 18.62
N ALA B 102 -6.97 -8.82 19.27
CA ALA B 102 -8.23 -8.35 18.75
C ALA B 102 -8.62 -7.02 19.42
N HIS B 103 -9.06 -6.05 18.60
CA HIS B 103 -9.55 -4.75 19.06
C HIS B 103 -10.86 -4.41 18.40
N VAL B 104 -11.78 -3.89 19.20
CA VAL B 104 -13.00 -3.36 18.70
C VAL B 104 -13.07 -1.91 19.13
N ALA B 105 -13.51 -1.06 18.22
CA ALA B 105 -13.76 0.33 18.54
C ALA B 105 -15.06 0.73 17.89
N GLU B 106 -15.43 1.98 18.11
CA GLU B 106 -16.68 2.51 17.65
C GLU B 106 -16.44 3.93 17.10
N GLY B 107 -17.18 4.32 16.09
CA GLY B 107 -17.02 5.67 15.52
C GLY B 107 -16.76 5.66 14.04
N SER B 108 -15.83 6.52 13.62
CA SER B 108 -15.47 6.61 12.22
C SER B 108 -14.39 5.58 11.98
N PRO B 109 -14.66 4.58 11.11
CA PRO B 109 -13.66 3.51 10.90
C PRO B 109 -12.30 4.02 10.43
N LYS B 110 -12.28 4.84 9.39
CA LYS B 110 -11.02 5.40 8.92
C LYS B 110 -10.24 6.08 10.06
N ASP B 111 -10.90 6.87 10.89
CA ASP B 111 -10.21 7.60 11.97
C ASP B 111 -9.77 6.71 13.14
N LYS B 112 -10.56 5.72 13.47
CA LYS B 112 -10.15 4.76 14.49
C LYS B 112 -9.00 3.89 13.99
N ILE B 113 -9.04 3.51 12.71
CA ILE B 113 -7.89 2.79 12.15
C ILE B 113 -6.64 3.62 12.25
N LEU B 114 -6.74 4.85 11.79
CA LEU B 114 -5.60 5.74 11.80
C LEU B 114 -5.17 6.02 13.23
N GLU B 115 -6.14 6.19 14.13
CA GLU B 115 -5.83 6.35 15.54
C GLU B 115 -5.04 5.14 16.08
N MET B 116 -5.41 3.93 15.67
CA MET B 116 -4.78 2.71 16.16
CA MET B 116 -4.76 2.75 16.19
C MET B 116 -3.36 2.61 15.62
N ALA B 117 -3.22 2.87 14.32
CA ALA B 117 -1.92 2.92 13.72
C ALA B 117 -0.98 3.85 14.47
N LYS B 118 -1.51 4.97 14.96
CA LYS B 118 -0.69 5.96 15.67
C LYS B 118 -0.37 5.51 17.07
N LYS B 119 -1.35 4.91 17.76
CA LYS B 119 -1.25 4.49 19.16
C LYS B 119 -0.22 3.39 19.39
N LEU B 120 -0.19 2.40 18.51
CA LEU B 120 0.50 1.15 18.76
C LEU B 120 1.99 1.33 18.96
N PRO B 121 2.69 1.93 17.99
CA PRO B 121 2.30 2.34 16.66
C PRO B 121 2.51 1.20 15.67
N ALA B 122 1.85 1.26 14.52
CA ALA B 122 1.98 0.25 13.50
C ALA B 122 3.19 0.55 12.60
N ASP B 123 3.95 -0.47 12.28
CA ASP B 123 4.99 -0.37 11.26
C ASP B 123 4.41 -0.58 9.88
N MET B 124 3.27 -1.26 9.83
CA MET B 124 2.59 -1.47 8.60
C MET B 124 1.11 -1.67 8.86
N VAL B 125 0.28 -1.14 7.95
CA VAL B 125 -1.15 -1.43 7.93
C VAL B 125 -1.41 -2.26 6.68
N ILE B 126 -2.07 -3.41 6.84
CA ILE B 126 -2.47 -4.23 5.69
C ILE B 126 -3.98 -4.13 5.50
N ILE B 127 -4.40 -3.64 4.35
CA ILE B 127 -5.78 -3.32 4.11
C ILE B 127 -6.24 -3.69 2.69
N ALA B 128 -7.41 -4.34 2.57
CA ALA B 128 -7.96 -4.60 1.25
C ALA B 128 -8.39 -3.28 0.59
N SER B 129 -8.20 -3.20 -0.71
CA SER B 129 -8.57 -1.99 -1.46
C SER B 129 -10.06 -1.69 -1.35
N HIS B 130 -10.88 -2.74 -1.34
CA HIS B 130 -12.30 -2.63 -1.64
C HIS B 130 -12.81 -4.06 -1.61
N ARG B 131 -14.06 -4.27 -1.25
CA ARG B 131 -14.61 -5.61 -1.35
C ARG B 131 -14.58 -6.11 -2.80
N PRO B 132 -14.39 -7.43 -3.00
CA PRO B 132 -14.34 -7.89 -4.37
C PRO B 132 -15.58 -7.41 -5.10
N ASP B 133 -15.37 -6.78 -6.24
CA ASP B 133 -16.47 -6.16 -6.95
C ASP B 133 -15.99 -5.93 -8.36
N ILE B 134 -16.75 -6.42 -9.31
CA ILE B 134 -16.33 -6.38 -10.70
C ILE B 134 -16.34 -4.98 -11.29
N THR B 135 -16.98 -4.03 -10.59
CA THR B 135 -17.11 -2.67 -11.12
C THR B 135 -15.79 -1.87 -11.07
N THR B 136 -14.95 -2.06 -10.04
CA THR B 136 -13.76 -1.20 -9.85
C THR B 136 -12.52 -1.91 -9.27
N TYR B 137 -11.34 -1.48 -9.72
CA TYR B 137 -10.08 -1.68 -8.96
C TYR B 137 -9.77 -0.50 -8.03
N LEU B 138 -10.65 0.50 -7.95
CA LEU B 138 -10.41 1.69 -7.11
C LEU B 138 -10.63 1.39 -5.64
N LEU B 139 -10.06 2.24 -4.82
CA LEU B 139 -10.10 2.03 -3.40
C LEU B 139 -11.48 2.41 -2.87
N GLY B 140 -11.88 1.77 -1.79
CA GLY B 140 -13.03 2.19 -1.04
C GLY B 140 -12.66 3.36 -0.17
N SER B 141 -13.66 3.93 0.47
CA SER B 141 -13.50 5.11 1.27
C SER B 141 -12.50 4.98 2.40
N ASN B 142 -12.47 3.83 3.07
CA ASN B 142 -11.59 3.67 4.20
C ASN B 142 -10.18 3.34 3.78
N ALA B 143 -10.03 2.45 2.81
CA ALA B 143 -8.75 2.16 2.24
C ALA B 143 -8.10 3.46 1.71
N ALA B 144 -8.85 4.25 0.94
CA ALA B 144 -8.27 5.46 0.38
C ALA B 144 -7.76 6.36 1.52
N ALA B 145 -8.52 6.50 2.59
CA ALA B 145 -8.14 7.42 3.63
C ALA B 145 -6.94 6.90 4.36
N VAL B 146 -6.92 5.61 4.57
CA VAL B 146 -5.84 4.98 5.34
C VAL B 146 -4.52 5.06 4.57
N VAL B 147 -4.57 4.75 3.28
CA VAL B 147 -3.37 4.87 2.48
C VAL B 147 -2.84 6.32 2.48
N ASP B 148 -3.74 7.29 2.33
CA ASP B 148 -3.36 8.70 2.34
C ASP B 148 -2.78 9.19 3.64
N HIS B 149 -3.37 8.81 4.78
CA HIS B 149 -3.03 9.49 6.04
C HIS B 149 -2.20 8.68 7.04
N ALA B 150 -2.08 7.38 6.87
CA ALA B 150 -1.22 6.62 7.77
C ALA B 150 0.17 7.21 7.74
N GLU B 151 0.83 7.21 8.87
CA GLU B 151 2.22 7.63 8.94
C GLU B 151 3.14 6.47 8.63
N CYS B 152 2.61 5.26 8.53
CA CYS B 152 3.45 4.11 8.26
C CYS B 152 3.15 3.54 6.87
N SER B 153 3.92 2.53 6.49
CA SER B 153 3.71 1.83 5.25
C SER B 153 2.35 1.19 5.24
N VAL B 154 1.72 1.19 4.08
CA VAL B 154 0.39 0.60 3.92
C VAL B 154 0.40 -0.31 2.72
N LEU B 155 0.09 -1.58 2.95
CA LEU B 155 -0.10 -2.51 1.85
C LEU B 155 -1.59 -2.58 1.48
N VAL B 156 -1.90 -2.11 0.28
CA VAL B 156 -3.23 -2.20 -0.32
C VAL B 156 -3.34 -3.51 -1.10
N VAL B 157 -4.16 -4.42 -0.60
CA VAL B 157 -4.23 -5.74 -1.18
C VAL B 157 -5.35 -5.78 -2.22
N ARG B 158 -5.08 -6.36 -3.38
CA ARG B 158 -6.11 -6.56 -4.39
C ARG B 158 -6.18 -8.05 -4.82
#